data_6G6E
#
_entry.id   6G6E
#
_cell.length_a   38.201
_cell.length_b   47.950
_cell.length_c   129.339
_cell.angle_alpha   90.000
_cell.angle_beta   90.000
_cell.angle_gamma   90.000
#
_symmetry.space_group_name_H-M   'P 2 21 21'
#
loop_
_entity.id
_entity.type
_entity.pdbx_description
1 polymer CC-Type2-deLI
2 non-polymer GLYCEROL
3 water water
#
_entity_poly.entity_id   1
_entity_poly.type   'polypeptide(L)'
_entity_poly.pdbx_seq_one_letter_code
;(ACE)GEIAQA(EO2)KEIAKA(EO2)KEIAWA(EO2)KEIAQA(EO2)KG(NH2)
;
_entity_poly.pdbx_strand_id   A,B,C,D,E,F,G
#
loop_
_chem_comp.id
_chem_comp.type
_chem_comp.name
_chem_comp.formula
ACE non-polymer 'ACETYL GROUP' 'C2 H4 O'
GOL non-polymer GLYCEROL 'C3 H8 O3'
NH2 non-polymer 'AMINO GROUP' 'H2 N'
#
# COMPACT_ATOMS: atom_id res chain seq x y z
C ACE A 1 -11.59 -15.36 16.96
O ACE A 1 -11.54 -14.79 18.06
CH3 ACE A 1 -12.93 -15.65 16.31
N GLY A 2 -10.51 -15.76 16.28
CA GLY A 2 -9.18 -15.61 16.85
C GLY A 2 -8.63 -14.20 16.76
N GLU A 3 -7.77 -13.82 17.70
CA GLU A 3 -7.24 -12.44 17.78
CA GLU A 3 -7.16 -12.55 17.80
C GLU A 3 -6.37 -12.17 16.55
N ILE A 4 -5.56 -13.09 16.08
CA ILE A 4 -4.71 -12.81 14.91
C ILE A 4 -5.59 -12.64 13.67
N ALA A 5 -6.55 -13.52 13.46
CA ALA A 5 -7.46 -13.39 12.34
C ALA A 5 -8.22 -12.08 12.44
N GLN A 6 -8.67 -11.65 13.62
CA GLN A 6 -9.43 -10.42 13.76
C GLN A 6 -8.53 -9.21 13.42
N ALA A 7 -7.25 -9.27 13.82
CA ALA A 7 -6.34 -8.16 13.55
C ALA A 7 -6.12 -8.08 12.03
O EO2 A 8 -7.01 -7.91 8.25
C EO2 A 8 -7.07 -8.68 9.20
N EO2 A 8 -5.95 -9.27 11.31
CA EO2 A 8 -5.83 -9.26 9.83
CA EO2 A 8 -5.79 -9.28 9.86
CB EO2 A 8 -5.73 -10.63 9.31
CB EO2 A 8 -5.50 -10.74 9.39
CG EO2 A 8 -4.44 -11.30 9.57
CG EO2 A 8 -4.06 -11.19 9.59
CD EO2 A 8 -4.38 -12.81 9.45
CD EO2 A 8 -2.92 -10.26 9.34
CE EO2 A 8 -3.29 -10.64 9.87
CE EO2 A 8 -3.80 -12.45 9.99
N LYS A 9 -8.31 -8.97 9.77
CA LYS A 9 -9.54 -8.31 9.25
C LYS A 9 -9.46 -6.81 9.44
N GLU A 10 -8.88 -6.31 10.54
CA GLU A 10 -8.73 -4.86 10.72
CA GLU A 10 -8.73 -4.87 10.72
C GLU A 10 -7.80 -4.30 9.63
N ILE A 11 -6.72 -5.02 9.29
CA ILE A 11 -5.86 -4.57 8.19
C ILE A 11 -6.69 -4.47 6.91
N ALA A 12 -7.48 -5.52 6.61
CA ALA A 12 -8.33 -5.49 5.39
C ALA A 12 -9.29 -4.30 5.40
N LYS A 13 -9.90 -3.95 6.54
CA LYS A 13 -10.79 -2.84 6.57
CA LYS A 13 -10.79 -2.81 6.64
C LYS A 13 -10.03 -1.53 6.33
N ALA A 14 -8.82 -1.44 6.83
CA ALA A 14 -8.02 -0.23 6.66
C ALA A 14 -7.59 -0.10 5.22
O EO2 A 15 -8.16 0.13 1.35
C EO2 A 15 -8.24 -0.65 2.30
N EO2 A 15 -7.31 -1.21 4.47
CA EO2 A 15 -6.99 -1.13 3.06
CA EO2 A 15 -7.00 -1.11 3.05
CB EO2 A 15 -6.49 -2.48 2.58
CB EO2 A 15 -6.60 -2.42 2.50
CG EO2 A 15 -5.07 -2.77 2.94
CG EO2 A 15 -5.26 -2.94 2.88
CD EO2 A 15 -4.00 -1.82 2.57
CD EO2 A 15 -5.03 -4.40 2.84
CE EO2 A 15 -4.73 -3.90 3.55
CE EO2 A 15 -4.24 -2.13 3.17
N LYS A 16 -9.51 -1.04 2.77
CA LYS A 16 -10.69 -0.53 2.13
C LYS A 16 -10.78 0.98 2.33
N GLU A 17 -10.43 1.49 3.48
CA GLU A 17 -10.41 2.91 3.74
C GLU A 17 -9.46 3.61 2.74
N ILE A 18 -8.33 2.99 2.49
CA ILE A 18 -7.37 3.54 1.48
C ILE A 18 -8.06 3.59 0.12
N ALA A 19 -8.73 2.52 -0.27
CA ALA A 19 -9.43 2.50 -1.56
C ALA A 19 -10.45 3.64 -1.64
N TRP A 20 -11.22 3.89 -0.59
CA TRP A 20 -12.24 4.93 -0.61
C TRP A 20 -11.57 6.30 -0.76
N ALA A 21 -10.41 6.48 -0.13
CA ALA A 21 -9.71 7.74 -0.19
C ALA A 21 -9.13 7.98 -1.57
O EO2 A 22 -9.25 8.24 -5.50
C EO2 A 22 -9.38 7.47 -4.55
N EO2 A 22 -8.65 6.90 -2.30
CA EO2 A 22 -8.18 7.06 -3.64
CA EO2 A 22 -8.18 7.06 -3.64
CB EO2 A 22 -7.57 5.78 -4.12
CB EO2 A 22 -7.63 5.80 -4.15
CG EO2 A 22 -6.13 5.56 -3.64
CG EO2 A 22 -6.25 5.44 -3.67
CD EO2 A 22 -5.07 6.60 -3.86
CD EO2 A 22 -5.93 4.00 -3.62
CE EO2 A 22 -5.86 4.42 -3.01
CE EO2 A 22 -5.39 6.39 -3.29
N LYS A 23 -10.64 6.86 -4.26
CA LYS A 23 -11.81 7.34 -5.06
C LYS A 23 -12.04 8.81 -4.80
N GLU A 24 -11.78 9.37 -3.64
CA GLU A 24 -11.93 10.78 -3.39
C GLU A 24 -10.96 11.58 -4.27
N ILE A 25 -9.73 11.08 -4.45
CA ILE A 25 -8.79 11.72 -5.36
C ILE A 25 -9.36 11.70 -6.78
N ALA A 26 -9.89 10.60 -7.25
CA ALA A 26 -10.42 10.50 -8.60
C ALA A 26 -11.57 11.51 -8.75
N GLN A 27 -12.41 11.65 -7.75
CA GLN A 27 -13.55 12.62 -7.81
C GLN A 27 -12.98 14.03 -7.90
N ALA A 28 -11.93 14.33 -7.18
CA ALA A 28 -11.36 15.64 -7.15
C ALA A 28 -10.81 15.98 -8.54
O EO2 A 29 -10.63 16.29 -12.49
C EO2 A 29 -10.77 15.50 -11.55
N EO2 A 29 -10.15 15.10 -9.21
CA EO2 A 29 -9.59 15.31 -10.54
CA EO2 A 29 -9.61 15.32 -10.56
CB EO2 A 29 -8.66 14.15 -10.95
CB EO2 A 29 -8.70 14.19 -11.04
CG EO2 A 29 -7.26 14.27 -10.46
CG EO2 A 29 -7.53 13.92 -10.22
CD EO2 A 29 -6.44 15.49 -10.80
CD EO2 A 29 -6.96 12.54 -10.16
CE EO2 A 29 -6.70 13.30 -9.73
CE EO2 A 29 -6.96 14.89 -9.52
N LYS A 30 -11.85 14.82 -11.36
CA LYS A 30 -13.04 14.87 -12.18
C LYS A 30 -13.69 16.25 -12.06
N GLY A 31 -13.68 16.88 -10.89
CA GLY A 31 -14.20 18.24 -10.73
C GLY A 31 -13.17 19.29 -11.15
N NH2 A 32 -11.91 19.37 -11.23
C ACE B 1 -10.55 -22.39 6.60
O ACE B 1 -11.45 -22.09 7.38
CH3 ACE B 1 -10.87 -22.94 5.29
N GLY B 2 -9.27 -22.17 6.83
CA GLY B 2 -8.93 -21.66 8.13
C GLY B 2 -9.18 -20.16 8.29
N GLU B 3 -9.35 -19.70 9.52
CA GLU B 3 -9.74 -18.31 9.79
CA GLU B 3 -9.65 -18.37 9.90
C GLU B 3 -8.56 -17.39 9.45
N ILE B 4 -7.31 -17.73 9.74
CA ILE B 4 -6.20 -16.82 9.40
C ILE B 4 -6.10 -16.73 7.88
N ALA B 5 -6.15 -17.85 7.16
CA ALA B 5 -6.09 -17.83 5.74
C ALA B 5 -7.27 -17.03 5.17
N GLN B 6 -8.46 -17.16 5.70
CA GLN B 6 -9.59 -16.43 5.18
CA GLN B 6 -9.64 -16.43 5.22
C GLN B 6 -9.40 -14.92 5.43
N ALA B 7 -8.79 -14.53 6.56
CA ALA B 7 -8.60 -13.12 6.80
C ALA B 7 -7.52 -12.55 5.86
O EO2 B 8 -5.88 -11.79 2.42
C EO2 B 8 -6.16 -12.74 3.16
N EO2 B 8 -6.49 -13.35 5.53
CA EO2 B 8 -5.50 -12.92 4.53
CA EO2 B 8 -5.51 -12.89 4.53
CB EO2 B 8 -4.39 -13.95 4.45
CB EO2 B 8 -4.42 -13.90 4.39
CG EO2 B 8 -3.39 -13.91 5.60
CG EO2 B 8 -3.44 -13.97 5.52
CD EO2 B 8 -2.87 -12.61 6.18
CD EO2 B 8 -2.44 -15.18 5.57
CE EO2 B 8 -2.93 -15.12 6.12
CE EO2 B 8 -3.41 -13.06 6.50
N LYS B 9 -7.16 -13.68 2.81
CA LYS B 9 -7.90 -13.46 1.56
C LYS B 9 -8.70 -12.17 1.61
N GLU B 10 -9.23 -11.73 2.74
CA GLU B 10 -9.93 -10.48 2.83
CA GLU B 10 -9.94 -10.49 2.83
C GLU B 10 -8.96 -9.32 2.55
N ILE B 11 -7.74 -9.46 3.05
CA ILE B 11 -6.73 -8.41 2.76
C ILE B 11 -6.54 -8.35 1.23
N ALA B 12 -6.39 -9.50 0.56
CA ALA B 12 -6.18 -9.52 -0.92
C ALA B 12 -7.38 -8.87 -1.58
N LYS B 13 -8.60 -9.14 -1.15
CA LYS B 13 -9.82 -8.51 -1.77
C LYS B 13 -9.76 -7.00 -1.61
N ALA B 14 -9.33 -6.52 -0.44
CA ALA B 14 -9.28 -5.14 -0.18
C ALA B 14 -8.20 -4.46 -1.04
O EO2 B 15 -6.28 -3.53 -4.35
C EO2 B 15 -6.60 -4.43 -3.63
N EO2 B 15 -7.04 -5.13 -1.28
CA EO2 B 15 -6.01 -4.61 -2.16
CA EO2 B 15 -6.03 -4.58 -2.17
CB EO2 B 15 -4.80 -5.53 -2.13
CB EO2 B 15 -4.83 -5.45 -2.21
CG EO2 B 15 -3.92 -5.36 -0.91
CG EO2 B 15 -3.96 -5.50 -0.99
CD EO2 B 15 -3.65 -4.01 -0.39
CD EO2 B 15 -2.97 -6.64 -0.81
CE EO2 B 15 -3.42 -6.45 -0.33
CE EO2 B 15 -4.13 -4.56 -0.06
N LYS B 16 -7.47 -5.53 -4.02
CA LYS B 16 -8.07 -5.35 -5.38
C LYS B 16 -8.95 -4.12 -5.40
N GLU B 17 -9.61 -3.69 -4.33
CA GLU B 17 -10.40 -2.49 -4.32
CA GLU B 17 -10.39 -2.50 -4.31
C GLU B 17 -9.49 -1.26 -4.50
N ILE B 18 -8.30 -1.28 -3.87
CA ILE B 18 -7.35 -0.21 -4.09
C ILE B 18 -7.00 -0.17 -5.59
N ALA B 19 -6.70 -1.28 -6.20
CA ALA B 19 -6.35 -1.31 -7.63
C ALA B 19 -7.49 -0.67 -8.43
N TRP B 20 -8.75 -1.01 -8.13
CA TRP B 20 -9.85 -0.41 -8.87
C TRP B 20 -9.91 1.10 -8.69
N ALA B 21 -9.74 1.62 -7.46
CA ALA B 21 -9.76 3.00 -7.17
C ALA B 21 -8.64 3.73 -7.94
O EO2 B 22 -6.49 4.76 -11.09
C EO2 B 22 -6.78 3.79 -10.38
N EO2 B 22 -7.45 3.09 -8.10
CA EO2 B 22 -6.39 3.76 -8.88
CA EO2 B 22 -6.35 3.71 -8.90
CB EO2 B 22 -5.09 3.02 -8.63
CB EO2 B 22 -5.07 2.91 -8.80
CG EO2 B 22 -4.49 3.29 -7.25
CG EO2 B 22 -4.40 3.00 -7.50
CD EO2 B 22 -4.37 4.69 -6.71
CD EO2 B 22 -3.45 1.99 -7.15
CE EO2 B 22 -4.09 2.21 -6.52
CE EO2 B 22 -4.72 3.96 -6.62
N LYS B 23 -7.49 2.70 -10.89
CA LYS B 23 -8.03 2.80 -12.26
C LYS B 23 -9.02 3.94 -12.37
N GLU B 24 -9.78 4.27 -11.34
CA GLU B 24 -10.68 5.43 -11.36
C GLU B 24 -9.88 6.72 -11.46
N ILE B 25 -8.76 6.85 -10.72
CA ILE B 25 -7.96 8.02 -10.85
C ILE B 25 -7.43 8.11 -12.28
N ALA B 26 -6.94 7.03 -12.87
CA ALA B 26 -6.43 7.01 -14.26
C ALA B 26 -7.55 7.55 -15.17
N GLN B 27 -8.76 7.06 -14.98
CA GLN B 27 -9.86 7.43 -15.89
C GLN B 27 -10.15 8.90 -15.74
N ALA B 28 -10.10 9.44 -14.54
CA ALA B 28 -10.35 10.82 -14.23
C ALA B 28 -9.32 11.73 -14.87
O EO2 B 29 -6.82 12.96 -17.89
C EO2 B 29 -7.21 12.01 -17.20
N EO2 B 29 -8.09 11.31 -15.03
CA EO2 B 29 -7.04 12.10 -15.71
CA EO2 B 29 -7.01 12.07 -15.73
CB EO2 B 29 -5.66 11.59 -15.28
CB EO2 B 29 -5.64 11.47 -15.44
CG EO2 B 29 -5.24 12.11 -13.94
CG EO2 B 29 -5.15 11.68 -14.06
CD EO2 B 29 -5.13 13.59 -13.68
CD EO2 B 29 -4.19 10.67 -13.46
CE EO2 B 29 -4.95 11.26 -12.93
CE EO2 B 29 -5.58 12.72 -13.31
N LYS B 30 -7.74 10.94 -17.75
CA LYS B 30 -7.92 10.83 -19.19
C LYS B 30 -8.97 11.84 -19.66
N GLY B 31 -9.99 12.06 -18.83
CA GLY B 31 -11.02 13.07 -19.11
C GLY B 31 -10.61 14.43 -18.59
C ACE C 1 -0.17 -25.57 0.25
O ACE C 1 -1.38 -25.84 0.20
CH3 ACE C 1 0.79 -25.92 -0.85
N GLY C 2 0.31 -24.88 1.27
CA GLY C 2 -0.54 -24.65 2.41
C GLY C 2 -1.49 -23.48 2.26
N GLU C 3 -2.56 -23.41 3.03
CA GLU C 3 -3.57 -22.40 2.75
CA GLU C 3 -3.61 -22.44 2.87
C GLU C 3 -3.07 -21.04 3.22
N ILE C 4 -2.27 -20.97 4.28
CA ILE C 4 -1.83 -19.60 4.67
C ILE C 4 -0.86 -19.09 3.61
N ALA C 5 0.08 -19.90 3.16
CA ALA C 5 1.00 -19.50 2.11
C ALA C 5 0.21 -19.12 0.85
N GLN C 6 -0.80 -19.88 0.46
CA GLN C 6 -1.53 -19.56 -0.76
CA GLN C 6 -1.62 -19.60 -0.74
C GLN C 6 -2.29 -18.23 -0.58
N ALA C 7 -2.79 -17.93 0.61
CA ALA C 7 -3.50 -16.71 0.84
C ALA C 7 -2.54 -15.52 0.75
O EO2 C 8 0.26 -13.33 -0.81
C EO2 C 8 0.04 -14.42 -0.31
N EO2 C 8 -1.27 -15.71 1.29
CA EO2 C 8 -0.24 -14.64 1.20
CA EO2 C 8 -0.25 -14.64 1.18
CB EO2 C 8 0.98 -15.06 1.96
CB EO2 C 8 0.97 -15.03 1.82
CG EO2 C 8 0.82 -14.83 3.50
CG EO2 C 8 0.91 -15.01 3.32
CD EO2 C 8 0.28 -13.56 4.05
CD EO2 C 8 1.95 -15.81 4.05
CE EO2 C 8 1.21 -15.81 4.36
CE EO2 C 8 -0.01 -14.32 4.00
N LYS C 9 0.09 -15.56 -1.17
CA LYS C 9 0.28 -15.37 -2.60
C LYS C 9 -0.85 -14.56 -3.20
N GLU C 10 -2.08 -14.73 -2.74
CA GLU C 10 -3.18 -13.97 -3.26
CA GLU C 10 -3.18 -13.97 -3.25
C GLU C 10 -2.96 -12.48 -2.95
N ILE C 11 -2.42 -12.19 -1.73
CA ILE C 11 -2.11 -10.80 -1.39
C ILE C 11 -1.06 -10.29 -2.38
N ALA C 12 -0.01 -11.05 -2.65
CA ALA C 12 1.03 -10.62 -3.60
C ALA C 12 0.38 -10.32 -4.97
N LYS C 13 -0.51 -11.18 -5.46
CA LYS C 13 -1.10 -10.96 -6.77
C LYS C 13 -1.94 -9.69 -6.77
N ALA C 14 -2.64 -9.37 -5.67
CA ALA C 14 -3.47 -8.18 -5.59
C ALA C 14 -2.59 -6.93 -5.56
O EO2 C 15 0.26 -4.54 -6.81
C EO2 C 15 0.08 -5.66 -6.34
N EO2 C 15 -1.39 -7.01 -4.87
CA EO2 C 15 -0.43 -5.89 -4.90
CA EO2 C 15 -0.42 -5.87 -4.92
CB EO2 C 15 0.69 -6.22 -3.92
CB EO2 C 15 0.78 -6.18 -4.06
CG EO2 C 15 0.23 -6.04 -2.48
CG EO2 C 15 0.61 -5.93 -2.62
CD EO2 C 15 0.72 -6.94 -1.42
CD EO2 C 15 -0.20 -4.79 -2.04
CE EO2 C 15 -0.53 -5.07 -2.10
CE EO2 C 15 1.35 -6.78 -1.85
N LYS C 16 0.28 -6.80 -7.15
CA LYS C 16 0.67 -6.61 -8.56
C LYS C 16 -0.45 -5.90 -9.31
N GLU C 17 -1.72 -6.16 -9.03
CA GLU C 17 -2.81 -5.46 -9.65
C GLU C 17 -2.75 -3.96 -9.32
N ILE C 18 -2.38 -3.61 -8.10
CA ILE C 18 -2.22 -2.21 -7.76
C ILE C 18 -1.12 -1.59 -8.60
N ALA C 19 0.01 -2.28 -8.70
CA ALA C 19 1.12 -1.77 -9.53
C ALA C 19 0.61 -1.47 -10.95
N TRP C 20 -0.11 -2.43 -11.52
CA TRP C 20 -0.58 -2.24 -12.92
C TRP C 20 -1.52 -1.05 -13.01
N ALA C 21 -2.37 -0.80 -12.02
CA ALA C 21 -3.27 0.31 -12.01
C ALA C 21 -2.48 1.61 -11.94
O EO2 C 22 0.26 4.29 -12.80
C EO2 C 22 0.06 3.15 -12.39
N EO2 C 22 -1.43 1.68 -11.07
CA EO2 C 22 -0.61 2.92 -11.00
CA EO2 C 22 -0.54 2.88 -11.00
CB EO2 C 22 0.43 2.75 -9.90
CB EO2 C 22 0.55 2.60 -10.02
CG EO2 C 22 -0.11 2.97 -8.49
CG EO2 C 22 0.10 2.70 -8.66
CD EO2 C 22 -0.89 4.22 -8.10
CD EO2 C 22 0.86 2.06 -7.62
CE EO2 C 22 0.16 2.01 -7.59
CE EO2 C 22 -0.97 3.40 -8.35
N LYS C 23 0.49 2.02 -13.14
CA LYS C 23 1.02 2.21 -14.53
C LYS C 23 -0.03 2.86 -15.41
N GLU C 24 -1.27 2.49 -15.22
CA GLU C 24 -2.36 3.16 -15.98
C GLU C 24 -2.40 4.65 -15.68
N ILE C 25 -2.27 5.07 -14.42
CA ILE C 25 -2.24 6.45 -14.05
C ILE C 25 -1.09 7.13 -14.79
N ALA C 26 0.08 6.51 -14.81
CA ALA C 26 1.25 7.14 -15.48
C ALA C 26 0.90 7.35 -16.96
N GLN C 27 0.30 6.33 -17.60
CA GLN C 27 0.00 6.45 -19.05
CA GLN C 27 -0.10 6.39 -19.06
C GLN C 27 -1.05 7.55 -19.26
N ALA C 28 -2.02 7.67 -18.36
CA ALA C 28 -3.05 8.69 -18.49
C ALA C 28 -2.39 10.06 -18.36
O EO2 C 29 0.18 13.07 -19.05
C EO2 C 29 0.02 11.92 -18.67
N EO2 C 29 -1.45 10.33 -17.55
CA EO2 C 29 -0.80 11.63 -17.37
CA EO2 C 29 -0.80 11.64 -17.40
CB EO2 C 29 0.14 11.66 -16.10
CB EO2 C 29 0.16 11.71 -16.19
CG EO2 C 29 -0.54 12.08 -14.77
CG EO2 C 29 -0.46 11.63 -14.80
CD EO2 C 29 -1.27 13.39 -14.65
CD EO2 C 29 0.27 10.92 -13.72
CE EO2 C 29 -0.52 11.25 -13.70
CE EO2 C 29 -1.66 12.20 -14.51
N LYS C 30 0.58 10.89 -19.33
CA LYS C 30 1.45 11.04 -20.49
C LYS C 30 0.61 11.23 -21.77
N GLY C 31 -0.64 10.82 -21.71
CA GLY C 31 -1.52 10.92 -22.87
C GLY C 31 -2.30 12.22 -22.83
C ACE D 1 11.69 -22.44 2.65
O ACE D 1 11.11 -23.20 1.86
CH3 ACE D 1 13.11 -22.04 2.44
N GLY D 2 11.07 -21.93 3.69
CA GLY D 2 9.70 -22.31 3.93
C GLY D 2 8.68 -21.60 3.07
N GLU D 3 7.54 -22.22 2.90
CA GLU D 3 6.52 -21.75 2.01
C GLU D 3 5.92 -20.43 2.52
N ILE D 4 5.72 -20.24 3.82
CA ILE D 4 5.14 -18.95 4.27
C ILE D 4 6.19 -17.87 4.07
N ALA D 5 7.44 -18.08 4.41
CA ALA D 5 8.46 -17.08 4.20
C ALA D 5 8.60 -16.76 2.72
N GLN D 6 8.52 -17.75 1.84
CA GLN D 6 8.64 -17.44 0.42
CA GLN D 6 8.62 -17.48 0.39
C GLN D 6 7.45 -16.64 -0.08
N ALA D 7 6.25 -16.90 0.43
CA ALA D 7 5.08 -16.19 0.01
C ALA D 7 5.21 -14.72 0.45
O EO2 D 8 6.85 -11.23 1.00
C EO2 D 8 6.96 -12.43 1.31
N EO2 D 8 5.71 -14.49 1.76
CA EO2 D 8 5.90 -13.12 2.20
CA EO2 D 8 5.95 -13.10 2.19
CB EO2 D 8 6.33 -13.17 3.71
CB EO2 D 8 6.52 -13.12 3.59
CG EO2 D 8 5.23 -13.40 4.70
CG EO2 D 8 5.62 -13.48 4.65
CD EO2 D 8 3.90 -12.82 4.59
CD EO2 D 8 6.23 -13.91 6.01
CE EO2 D 8 5.53 -14.18 5.77
CE EO2 D 8 4.31 -13.47 4.53
N LYS D 9 8.03 -13.19 0.78
CA LYS D 9 8.99 -12.56 -0.15
C LYS D 9 8.27 -12.19 -1.46
N GLU D 10 7.28 -12.95 -1.90
CA GLU D 10 6.48 -12.58 -3.09
C GLU D 10 5.72 -11.28 -2.83
N ILE D 11 5.18 -11.10 -1.63
CA ILE D 11 4.54 -9.86 -1.29
C ILE D 11 5.57 -8.72 -1.41
N ALA D 12 6.76 -8.86 -0.85
CA ALA D 12 7.76 -7.83 -0.91
C ALA D 12 8.08 -7.49 -2.38
N LYS D 13 8.18 -8.52 -3.25
CA LYS D 13 8.48 -8.23 -4.66
CA LYS D 13 8.46 -8.28 -4.67
C LYS D 13 7.33 -7.46 -5.30
N ALA D 14 6.12 -7.78 -4.95
CA ALA D 14 4.97 -7.09 -5.54
C ALA D 14 4.99 -5.62 -5.08
O EO2 D 15 6.31 -2.01 -4.32
C EO2 D 15 6.50 -3.14 -4.00
N EO2 D 15 5.32 -5.33 -3.77
CA EO2 D 15 5.37 -3.96 -3.31
CA EO2 D 15 5.40 -3.99 -3.29
CB EO2 D 15 5.64 -3.95 -1.75
CB EO2 D 15 5.81 -4.07 -1.81
CG EO2 D 15 4.43 -4.29 -0.91
CG EO2 D 15 4.74 -4.40 -0.86
CD EO2 D 15 3.10 -3.65 -1.20
CD EO2 D 15 5.17 -4.66 0.56
CE EO2 D 15 4.60 -5.16 0.14
CE EO2 D 15 3.44 -4.35 -1.18
N LYS D 16 7.67 -3.90 -4.43
CA LYS D 16 8.66 -3.19 -5.25
C LYS D 16 8.05 -2.87 -6.64
N GLU D 17 7.14 -3.68 -7.18
CA GLU D 17 6.49 -3.35 -8.43
CA GLU D 17 6.52 -3.34 -8.45
C GLU D 17 5.66 -2.08 -8.25
N ILE D 18 4.99 -1.94 -7.12
CA ILE D 18 4.23 -0.76 -6.85
C ILE D 18 5.17 0.44 -6.82
N ALA D 19 6.26 0.34 -6.07
CA ALA D 19 7.22 1.44 -6.00
C ALA D 19 7.64 1.86 -7.42
N TRP D 20 7.96 0.88 -8.26
CA TRP D 20 8.45 1.22 -9.63
C TRP D 20 7.34 1.91 -10.41
N ALA D 21 6.10 1.48 -10.28
CA ALA D 21 5.01 2.11 -10.98
C ALA D 21 4.86 3.56 -10.52
O EO2 D 22 5.90 7.25 -9.59
C EO2 D 22 6.08 6.09 -9.31
N EO2 D 22 5.00 3.86 -9.16
CA EO2 D 22 4.94 5.20 -8.68
CA EO2 D 22 4.92 5.23 -8.71
CB EO2 D 22 5.15 5.13 -7.21
CB EO2 D 22 4.97 5.28 -7.16
CG EO2 D 22 3.95 4.67 -6.42
CG EO2 D 22 3.66 4.81 -6.50
CD EO2 D 22 4.19 4.40 -4.98
CD EO2 D 22 2.33 5.35 -6.88
CE EO2 D 22 2.71 4.59 -6.90
CE EO2 D 22 3.74 3.86 -5.56
N LYS D 23 7.31 5.43 -9.46
CA LYS D 23 8.40 6.18 -10.12
C LYS D 23 8.00 6.54 -11.56
N GLU D 24 7.25 5.66 -12.20
CA GLU D 24 6.79 5.99 -13.60
C GLU D 24 5.81 7.14 -13.55
N ILE D 25 4.93 7.22 -12.54
CA ILE D 25 4.06 8.38 -12.38
C ILE D 25 4.90 9.63 -12.20
N ALA D 26 5.92 9.61 -11.34
CA ALA D 26 6.78 10.75 -11.16
C ALA D 26 7.40 11.18 -12.51
N GLN D 27 7.88 10.22 -13.29
CA GLN D 27 8.60 10.65 -14.52
CA GLN D 27 8.53 10.47 -14.60
C GLN D 27 7.54 11.23 -15.47
N ALA D 28 6.30 10.75 -15.47
CA ALA D 28 5.23 11.31 -16.29
C ALA D 28 4.94 12.73 -15.88
O EO2 D 29 5.63 16.58 -14.62
C EO2 D 29 5.84 15.38 -14.44
N EO2 D 29 4.95 13.15 -14.66
CA EO2 D 29 4.62 14.45 -14.17
CA EO2 D 29 4.63 14.45 -14.16
CB EO2 D 29 4.30 14.47 -12.67
CB EO2 D 29 4.41 14.45 -12.67
CG EO2 D 29 2.91 14.06 -12.34
CG EO2 D 29 3.21 13.73 -12.22
CD EO2 D 29 1.70 14.70 -13.01
CD EO2 D 29 3.14 13.21 -10.82
CE EO2 D 29 2.71 13.08 -11.43
CE EO2 D 29 2.16 13.54 -13.04
N LYS D 30 7.05 14.87 -14.44
CA LYS D 30 8.23 15.66 -14.75
C LYS D 30 8.09 16.21 -16.17
N GLY D 31 7.79 15.32 -17.12
N GLY D 31 7.67 15.34 -17.10
CA GLY D 31 7.64 15.71 -18.52
CA GLY D 31 7.58 15.73 -18.49
C GLY D 31 6.23 16.15 -18.84
C GLY D 31 8.95 15.78 -19.14
C ACE E 1 16.23 -15.32 11.97
O ACE E 1 16.73 -16.06 11.11
CH3 ACE E 1 17.06 -14.34 12.69
N GLY E 2 14.95 -15.37 12.26
CA GLY E 2 14.15 -16.41 11.59
C GLY E 2 13.68 -16.03 10.20
N GLU E 3 13.28 -17.02 9.43
N GLU E 3 13.36 -16.98 9.31
CA GLU E 3 13.00 -16.83 8.05
CA GLU E 3 13.04 -16.61 7.93
C GLU E 3 11.72 -15.99 7.88
C GLU E 3 11.69 -15.90 7.84
N ILE E 4 10.71 -16.22 8.68
CA ILE E 4 9.45 -15.49 8.56
C ILE E 4 9.69 -14.04 8.94
N ALA E 5 10.32 -13.80 10.06
CA ALA E 5 10.67 -12.44 10.50
C ALA E 5 11.51 -11.72 9.44
N GLN E 6 12.49 -12.40 8.82
CA GLN E 6 13.29 -11.71 7.85
CA GLN E 6 13.33 -11.82 7.77
C GLN E 6 12.46 -11.41 6.59
N ALA E 7 11.54 -12.26 6.21
CA ALA E 7 10.71 -12.00 5.07
C ALA E 7 9.80 -10.80 5.34
O EO2 E 8 8.82 -7.18 6.47
C EO2 E 8 9.28 -8.24 6.90
N EO2 E 8 9.24 -10.68 6.57
CA EO2 E 8 8.43 -9.49 6.97
CA EO2 E 8 8.41 -9.54 6.94
CB EO2 E 8 7.97 -9.63 8.39
CB EO2 E 8 7.79 -9.76 8.36
CG EO2 E 8 6.93 -10.62 8.58
CG EO2 E 8 6.56 -10.66 8.38
CD EO2 E 8 6.67 -11.12 9.97
CD EO2 E 8 5.54 -10.61 7.32
CE EO2 E 8 6.18 -11.09 7.57
CE EO2 E 8 6.45 -11.49 9.42
N LYS E 9 10.62 -8.32 7.33
CA LYS E 9 11.49 -7.17 7.16
C LYS E 9 11.69 -6.85 5.68
N GLU E 10 11.69 -7.79 4.76
CA GLU E 10 11.79 -7.46 3.34
CA GLU E 10 11.79 -7.47 3.34
C GLU E 10 10.52 -6.72 2.87
N ILE E 11 9.36 -7.07 3.41
CA ILE E 11 8.15 -6.34 3.14
C ILE E 11 8.30 -4.90 3.62
N ALA E 12 8.80 -4.71 4.84
CA ALA E 12 8.99 -3.37 5.34
C ALA E 12 9.91 -2.56 4.43
N LYS E 13 11.02 -3.15 3.99
CA LYS E 13 11.93 -2.44 3.11
CA LYS E 13 11.94 -2.42 3.12
C LYS E 13 11.25 -2.04 1.80
N ALA E 14 10.42 -2.95 1.23
CA ALA E 14 9.72 -2.67 -0.01
C ALA E 14 8.76 -1.50 0.17
O EO2 E 15 7.48 2.06 1.34
C EO2 E 15 7.95 1.05 1.74
N EO2 E 15 8.05 -1.45 1.39
CA EO2 E 15 7.16 -0.29 1.67
CA EO2 E 15 7.17 -0.33 1.69
CB EO2 E 15 6.39 -0.48 2.98
CB EO2 E 15 6.44 -0.64 3.04
CG EO2 E 15 5.34 -1.51 2.98
CG EO2 E 15 5.27 -1.61 2.88
CD EO2 E 15 4.90 -2.02 4.37
CD EO2 E 15 4.27 -1.44 1.78
CE EO2 E 15 4.88 -2.04 1.85
CE EO2 E 15 5.19 -2.63 3.79
N LYS E 16 9.26 0.94 2.28
CA LYS E 16 10.06 2.18 2.28
C LYS E 16 10.36 2.60 0.85
N GLU E 17 10.56 1.66 -0.07
CA GLU E 17 10.76 2.00 -1.50
CA GLU E 17 10.76 2.01 -1.48
C GLU E 17 9.52 2.70 -2.06
N ILE E 18 8.31 2.24 -1.65
CA ILE E 18 7.08 2.92 -2.08
C ILE E 18 7.08 4.35 -1.54
N ALA E 19 7.41 4.52 -0.26
CA ALA E 19 7.43 5.85 0.32
C ALA E 19 8.37 6.80 -0.45
N TRP E 20 9.54 6.28 -0.80
CA TRP E 20 10.49 7.12 -1.54
C TRP E 20 9.91 7.47 -2.89
N ALA E 21 9.27 6.52 -3.58
CA ALA E 21 8.72 6.81 -4.88
C ALA E 21 7.60 7.87 -4.82
O EO2 E 22 6.00 11.31 -3.80
C EO2 E 22 6.51 10.33 -3.28
N EO2 E 22 6.81 7.86 -3.69
CA EO2 E 22 5.82 8.91 -3.51
CA EO2 E 22 5.83 8.91 -3.53
CB EO2 E 22 4.91 8.53 -2.34
CB EO2 E 22 4.94 8.59 -2.36
CG EO2 E 22 3.89 7.52 -2.69
CG EO2 E 22 4.00 7.48 -2.53
CD EO2 E 22 2.99 7.71 -3.86
CD EO2 E 22 3.51 6.77 -1.32
CE EO2 E 22 3.78 6.41 -1.88
CE EO2 E 22 3.52 7.08 -3.71
N LYS E 23 7.68 10.28 -2.59
CA LYS E 23 8.41 11.55 -2.49
C LYS E 23 8.88 11.97 -3.88
N GLU E 24 9.22 11.05 -4.76
CA GLU E 24 9.62 11.42 -6.14
CA GLU E 24 9.61 11.44 -6.12
C GLU E 24 8.43 12.08 -6.85
N ILE E 25 7.22 11.54 -6.66
CA ILE E 25 6.03 12.17 -7.25
C ILE E 25 5.85 13.57 -6.69
N ALA E 26 5.97 13.76 -5.39
CA ALA E 26 5.82 15.10 -4.80
C ALA E 26 6.83 16.07 -5.45
N GLN E 27 8.07 15.62 -5.56
CA GLN E 27 9.11 16.53 -6.16
C GLN E 27 8.76 16.82 -7.59
N ALA E 28 8.29 15.89 -8.38
CA ALA E 28 7.91 16.12 -9.75
C ALA E 28 6.76 17.12 -9.82
O EO2 E 29 4.63 20.48 -9.06
C EO2 E 29 5.22 19.49 -8.58
N EO2 E 29 5.80 17.13 -8.95
CA EO2 E 29 4.71 18.12 -8.95
CA EO2 E 29 4.71 18.14 -8.93
CB EO2 E 29 3.56 17.70 -7.96
CB EO2 E 29 3.58 17.82 -7.90
CG EO2 E 29 2.63 16.65 -8.54
CG EO2 E 29 2.79 16.61 -8.20
CD EO2 E 29 1.97 16.86 -9.84
CD EO2 E 29 2.18 15.86 -7.09
CE EO2 E 29 2.38 15.51 -7.86
CE EO2 E 29 2.64 16.14 -9.45
N LYS E 30 6.25 19.58 -7.77
CA LYS E 30 6.81 20.88 -7.34
C LYS E 30 7.69 21.46 -8.45
N GLY E 31 8.01 20.71 -9.46
CA GLY E 31 8.96 21.18 -10.48
C GLY E 31 10.39 20.98 -10.01
N NH2 E 32 10.81 20.04 -9.22
C ACE F 1 9.99 -9.69 21.23
O ACE F 1 11.18 -9.92 20.99
CH3 ACE F 1 9.53 -8.67 22.31
N GLY F 2 8.98 -10.29 20.64
CA GLY F 2 9.32 -11.38 19.70
C GLY F 2 9.72 -10.87 18.33
N GLU F 3 10.52 -11.62 17.59
CA GLU F 3 11.05 -11.13 16.33
CA GLU F 3 11.07 -11.20 16.33
C GLU F 3 9.94 -11.01 15.30
N ILE F 4 8.92 -11.91 15.27
CA ILE F 4 7.88 -11.73 14.27
C ILE F 4 7.09 -10.45 14.59
N ALA F 5 6.68 -10.26 15.82
CA ALA F 5 5.96 -9.07 16.21
C ALA F 5 6.79 -7.82 15.89
N GLN F 6 8.06 -7.82 16.16
CA GLN F 6 8.88 -6.64 15.89
CA GLN F 6 8.90 -6.66 15.90
C GLN F 6 8.99 -6.39 14.39
N ALA F 7 9.07 -7.44 13.58
CA ALA F 7 9.12 -7.23 12.16
C ALA F 7 7.79 -6.65 11.62
O EO2 F 8 4.78 -4.17 11.52
C EO2 F 8 5.29 -5.04 12.23
N EO2 F 8 6.63 -7.10 12.21
CA EO2 F 8 5.36 -6.52 11.85
CA EO2 F 8 5.38 -6.46 11.79
CB EO2 F 8 4.25 -7.37 12.58
CB EO2 F 8 4.20 -7.15 12.45
CG EO2 F 8 3.89 -8.66 11.84
CG EO2 F 8 3.92 -8.51 12.05
CD EO2 F 8 3.72 -8.72 10.41
CD EO2 F 8 3.09 -9.34 13.06
CE EO2 F 8 3.64 -9.78 12.56
CE EO2 F 8 4.30 -9.04 10.89
N LYS F 9 5.95 -4.63 13.41
CA LYS F 9 6.06 -3.23 13.77
C LYS F 9 6.90 -2.48 12.74
N GLU F 10 7.95 -3.10 12.19
CA GLU F 10 8.73 -2.45 11.16
CA GLU F 10 8.72 -2.43 11.19
C GLU F 10 7.85 -2.17 9.93
N ILE F 11 6.96 -3.12 9.59
CA ILE F 11 6.03 -2.91 8.47
C ILE F 11 5.17 -1.67 8.77
N ALA F 12 4.64 -1.62 9.99
CA ALA F 12 3.76 -0.51 10.38
C ALA F 12 4.51 0.80 10.25
N LYS F 13 5.77 0.87 10.73
CA LYS F 13 6.52 2.09 10.64
C LYS F 13 6.74 2.49 9.18
N ALA F 14 6.97 1.51 8.28
CA ALA F 14 7.20 1.82 6.87
C ALA F 14 5.89 2.35 6.21
O EO2 F 15 2.74 4.64 5.88
C EO2 F 15 3.21 3.78 6.63
N EO2 F 15 4.69 1.78 6.64
CA EO2 F 15 3.42 2.36 6.15
CA EO2 F 15 3.42 2.32 6.16
CB EO2 F 15 2.26 1.58 6.66
CB EO2 F 15 2.31 1.36 6.68
CG EO2 F 15 1.97 0.29 5.97
CG EO2 F 15 2.33 0.02 5.97
CD EO2 F 15 2.04 0.07 4.47
CD EO2 F 15 2.06 -1.18 6.64
CE EO2 F 15 1.45 -0.70 6.76
CE EO2 F 15 2.57 -0.07 4.70
N LYS F 16 3.70 4.14 7.92
CA LYS F 16 3.64 5.52 8.31
C LYS F 16 4.51 6.39 7.40
N GLU F 17 5.68 5.87 6.94
CA GLU F 17 6.51 6.64 6.03
CA GLU F 17 6.51 6.64 6.03
C GLU F 17 5.76 6.93 4.72
N ILE F 18 5.02 5.91 4.24
CA ILE F 18 4.20 6.12 3.06
C ILE F 18 3.20 7.26 3.30
N ALA F 19 2.52 7.22 4.46
CA ALA F 19 1.59 8.30 4.77
C ALA F 19 2.25 9.67 4.73
N TRP F 20 3.45 9.78 5.31
CA TRP F 20 4.11 11.07 5.35
C TRP F 20 4.50 11.51 3.94
N ALA F 21 4.87 10.57 3.05
CA ALA F 21 5.21 10.89 1.69
C ALA F 21 3.99 11.38 0.90
O EO2 F 22 0.72 13.44 0.25
C EO2 F 22 1.19 12.62 1.00
N EO2 F 22 2.78 10.73 1.16
CA EO2 F 22 1.55 11.22 0.55
CA EO2 F 22 1.55 11.25 0.52
CB EO2 F 22 0.45 10.20 0.91
CB EO2 F 22 0.43 10.35 0.90
CG EO2 F 22 0.48 8.93 0.08
CG EO2 F 22 0.43 9.03 0.25
CD EO2 F 22 0.60 8.97 -1.40
CD EO2 F 22 -0.37 7.99 0.96
CE EO2 F 22 0.36 7.72 0.70
CE EO2 F 22 1.05 8.75 -0.90
N LYS F 23 1.52 12.99 2.35
CA LYS F 23 1.34 14.37 2.81
C LYS F 23 2.23 15.31 2.02
N GLU F 24 3.44 14.87 1.61
CA GLU F 24 4.32 15.71 0.80
CA GLU F 24 4.29 15.73 0.80
C GLU F 24 3.67 15.96 -0.56
N ILE F 25 3.00 14.96 -1.16
CA ILE F 25 2.28 15.13 -2.44
C ILE F 25 1.16 16.16 -2.23
N ALA F 26 0.42 16.04 -1.12
CA ALA F 26 -0.66 17.02 -0.85
C ALA F 26 -0.10 18.45 -0.77
N GLN F 27 1.01 18.62 -0.11
CA GLN F 27 1.64 19.94 0.06
CA GLN F 27 1.63 19.93 0.06
C GLN F 27 2.08 20.45 -1.30
N ALA F 28 2.58 19.59 -2.16
CA ALA F 28 3.02 19.98 -3.49
C ALA F 28 1.82 20.51 -4.26
O EO2 F 29 -1.64 22.38 -5.09
C EO2 F 29 -1.05 21.58 -4.39
N EO2 F 29 0.69 19.87 -4.30
CA EO2 F 29 -0.48 20.32 -5.05
CA EO2 F 29 -0.46 20.31 -5.08
CB EO2 F 29 -1.56 19.21 -5.02
CB EO2 F 29 -1.51 19.13 -5.21
CG EO2 F 29 -1.19 17.94 -5.61
CG EO2 F 29 -1.14 18.04 -6.10
CD EO2 F 29 -1.85 16.68 -5.23
CD EO2 F 29 -0.77 18.29 -7.57
CE EO2 F 29 -0.16 17.88 -6.49
CE EO2 F 29 -1.05 16.79 -5.60
N LYS F 30 -0.90 21.80 -3.13
CA LYS F 30 -1.39 23.02 -2.51
C LYS F 30 -0.60 24.23 -3.00
N GLY F 31 0.70 24.06 -3.21
CA GLY F 31 1.64 25.17 -3.32
C GLY F 31 1.87 25.58 -4.77
C ACE G 1 -2.61 -9.64 23.47
O ACE G 1 -3.78 -9.26 23.85
CH3 ACE G 1 -1.50 -9.31 24.16
N GLY G 2 -2.44 -10.41 22.41
CA GLY G 2 -1.15 -10.96 22.00
C GLY G 2 -0.24 -9.99 21.25
N GLU G 3 1.06 -10.24 21.25
N GLU G 3 1.09 -10.15 21.26
CA GLU G 3 2.02 -9.34 20.69
CA GLU G 3 1.96 -9.14 20.63
C GLU G 3 1.83 -9.33 19.17
C GLU G 3 1.92 -9.26 19.10
N ILE G 4 1.66 -10.46 18.53
CA ILE G 4 1.56 -10.48 17.08
C ILE G 4 0.23 -9.79 16.67
N ALA G 5 -0.86 -10.08 17.34
CA ALA G 5 -2.12 -9.42 17.03
C ALA G 5 -1.95 -7.92 17.23
N GLN G 6 -1.29 -7.48 18.28
CA GLN G 6 -1.15 -6.04 18.52
CA GLN G 6 -1.16 -6.04 18.52
C GLN G 6 -0.30 -5.40 17.41
N ALA G 7 0.77 -6.06 16.96
CA ALA G 7 1.55 -5.53 15.86
C ALA G 7 0.73 -5.43 14.58
O EO2 G 8 -2.28 -4.47 12.31
C EO2 G 8 -1.98 -5.20 13.26
N EO2 G 8 -0.13 -6.43 14.27
CA EO2 G 8 -1.01 -6.36 13.12
CA EO2 G 8 -0.98 -6.37 13.11
CB EO2 G 8 -1.86 -7.61 13.03
CB EO2 G 8 -1.74 -7.70 12.95
CG EO2 G 8 -1.14 -8.80 12.57
CG EO2 G 8 -0.95 -8.85 12.36
CD EO2 G 8 -1.86 -10.15 12.71
CD EO2 G 8 -0.03 -8.67 11.32
CE EO2 G 8 0.03 -8.74 12.02
CE EO2 G 8 -1.26 -10.08 12.83
N LYS G 9 -2.45 -4.87 14.54
CA LYS G 9 -3.31 -3.70 14.71
C LYS G 9 -2.53 -2.41 14.44
N GLU G 10 -1.23 -2.35 14.74
CA GLU G 10 -0.41 -1.21 14.44
CA GLU G 10 -0.40 -1.21 14.44
C GLU G 10 -0.31 -1.02 12.92
N ILE G 11 -0.24 -2.12 12.18
CA ILE G 11 -0.26 -2.03 10.70
C ILE G 11 -1.58 -1.42 10.22
N ALA G 12 -2.68 -1.90 10.80
CA ALA G 12 -3.99 -1.35 10.42
C ALA G 12 -4.04 0.14 10.73
N LYS G 13 -3.54 0.60 11.87
CA LYS G 13 -3.53 2.01 12.24
CA LYS G 13 -3.56 2.02 12.22
C LYS G 13 -2.72 2.82 11.23
N ALA G 14 -1.56 2.28 10.80
CA ALA G 14 -0.73 3.00 9.86
C ALA G 14 -1.39 3.09 8.50
O EO2 G 15 -4.25 3.85 5.91
C EO2 G 15 -4.02 3.13 6.85
N EO2 G 15 -2.11 2.02 8.07
CA EO2 G 15 -2.89 2.10 6.79
CA EO2 G 15 -2.88 2.06 6.81
CB EO2 G 15 -3.56 0.80 6.51
CB EO2 G 15 -3.48 0.68 6.56
CG EO2 G 15 -2.71 -0.34 6.07
CG EO2 G 15 -2.53 -0.36 5.98
CD EO2 G 15 -3.37 -1.71 6.11
CD EO2 G 15 -1.50 -0.02 5.00
CE EO2 G 15 -1.47 -0.24 5.65
CE EO2 G 15 -2.70 -1.64 6.39
N LYS G 16 -4.60 3.36 8.13
CA LYS G 16 -5.60 4.43 8.19
C LYS G 16 -4.92 5.79 8.05
N GLU G 17 -3.67 5.94 8.53
CA GLU G 17 -2.93 7.19 8.32
C GLU G 17 -2.71 7.43 6.82
N ILE G 18 -2.41 6.37 6.06
CA ILE G 18 -2.28 6.45 4.61
C ILE G 18 -3.60 6.96 3.98
N ALA G 19 -4.70 6.35 4.41
CA ALA G 19 -6.01 6.80 3.90
C ALA G 19 -6.24 8.28 4.17
N TRP G 20 -5.91 8.77 5.35
CA TRP G 20 -6.09 10.17 5.66
C TRP G 20 -5.24 11.06 4.75
N ALA G 21 -3.97 10.65 4.54
CA ALA G 21 -3.09 11.45 3.69
C ALA G 21 -3.63 11.47 2.28
O EO2 G 22 -6.24 12.13 -0.60
C EO2 G 22 -6.06 11.40 0.36
N EO2 G 22 -4.22 10.38 1.71
CA EO2 G 22 -4.84 10.41 0.40
CA EO2 G 22 -4.85 10.39 0.42
CB EO2 G 22 -5.34 9.06 0.04
CB EO2 G 22 -5.30 8.99 0.06
CG EO2 G 22 -4.31 8.02 -0.29
CG EO2 G 22 -4.18 8.07 -0.43
CD EO2 G 22 -4.67 6.61 -0.22
CD EO2 G 22 -3.06 8.59 -1.24
CE EO2 G 22 -3.06 8.35 -0.59
CE EO2 G 22 -4.22 6.77 -0.06
N LYS G 23 -6.82 11.45 1.55
CA LYS G 23 -7.90 12.48 1.61
C LYS G 23 -7.27 13.85 1.54
N GLU G 24 -6.14 14.08 2.17
CA GLU G 24 -5.47 15.38 2.05
C GLU G 24 -5.07 15.67 0.61
N ILE G 25 -4.57 14.71 -0.15
CA ILE G 25 -4.28 14.90 -1.55
C ILE G 25 -5.55 15.35 -2.28
N ALA G 26 -6.65 14.64 -2.07
CA ALA G 26 -7.92 14.99 -2.75
C ALA G 26 -8.26 16.43 -2.37
N GLN G 27 -8.15 16.80 -1.12
CA GLN G 27 -8.55 18.13 -0.70
C GLN G 27 -7.67 19.17 -1.38
N ALA G 28 -6.37 18.92 -1.50
CA ALA G 28 -5.47 19.86 -2.17
C ALA G 28 -5.86 19.94 -3.62
O EO2 G 29 -8.22 20.49 -6.92
C EO2 G 29 -8.01 19.85 -5.88
N EO2 G 29 -6.28 18.98 -4.35
CA EO2 G 29 -6.70 19.06 -5.77
CA EO2 G 29 -6.69 19.04 -5.76
CB EO2 G 29 -6.93 17.70 -6.41
CB EO2 G 29 -6.88 17.65 -6.38
CG EO2 G 29 -5.75 16.78 -6.46
CG EO2 G 29 -5.61 16.97 -6.81
CD EO2 G 29 -5.99 15.29 -6.55
CD EO2 G 29 -4.65 17.64 -7.79
CE EO2 G 29 -4.48 17.23 -6.45
CE EO2 G 29 -5.31 15.74 -6.36
N LYS G 30 -8.85 19.89 -4.86
CA LYS G 30 -10.09 20.66 -4.82
C LYS G 30 -9.84 22.12 -4.44
N GLY G 31 -8.63 22.48 -4.06
CA GLY G 31 -8.29 23.87 -3.81
C GLY G 31 -8.14 24.15 -2.32
N NH2 G 32 -8.13 23.22 -1.41
C1 GOL H . -2.37 13.98 -8.79
O1 GOL H . -2.04 14.61 -10.02
C2 GOL H . -1.54 12.71 -8.70
O2 GOL H . -1.36 12.25 -10.05
C3 GOL H . -2.20 11.65 -7.83
O3 GOL H . -1.26 10.66 -7.41
C1 GOL I . -14.34 7.29 -13.57
O1 GOL I . -14.03 8.09 -12.38
C2 GOL I . -15.35 8.02 -14.45
O2 GOL I . -16.66 7.56 -14.11
C3 GOL I . -15.24 7.86 -15.96
O3 GOL I . -16.29 8.67 -16.55
C1 GOL J . -0.67 3.97 -2.05
O1 GOL J . -0.56 2.55 -2.09
C2 GOL J . -0.51 4.63 -3.42
O2 GOL J . -1.27 3.92 -4.34
C3 GOL J . -1.03 6.05 -3.46
O3 GOL J . -1.10 6.61 -4.78
C1 GOL K . -0.07 -3.41 3.60
O1 GOL K . -0.04 -4.80 4.01
C2 GOL K . -0.05 -3.40 2.10
O2 GOL K . 0.07 -2.11 1.46
C3 GOL K . 1.10 -4.33 1.89
O3 GOL K . 0.98 -5.36 2.88
C1 GOL L . 14.44 3.25 0.19
O1 GOL L . 15.26 3.04 1.35
C2 GOL L . 15.22 3.70 -1.07
O2 GOL L . 14.30 3.68 -2.19
C3 GOL L . 15.80 5.08 -1.05
O3 GOL L . 16.30 5.47 -2.35
#